data_3OCM
#
_entry.id   3OCM
#
_cell.length_a   152.289
_cell.length_b   152.289
_cell.length_c   46.888
_cell.angle_alpha   90.00
_cell.angle_beta   90.00
_cell.angle_gamma   90.00
#
_symmetry.space_group_name_H-M   'P 4 21 2'
#
loop_
_entity.id
_entity.type
_entity.pdbx_description
1 polymer 'Putative membrane protein'
2 non-polymer 'MAGNESIUM ION'
3 non-polymer "ADENOSINE-5'-DIPHOSPHATE"
4 non-polymer 'SULFATE ION'
5 water water
#
_entity_poly.entity_id   1
_entity_poly.type   'polypeptide(L)'
_entity_poly.pdbx_seq_one_letter_code
;SNASDESDLPSA(MSE)PAVPAFGVEERN(MSE)VSGVLTLAERSIRSI(MSE)TPRTDVSWVNIDDDAATIRQQLTAAP
HSFFPVCRGSLDEVVGIGRAKDLVADLITEGRVRRNRLRDPIIVHESIGILRL(MSE)DTLKRSRGQLVLVADEFGAIEG
LVTPIDVFEAIAGEFPDEDELPDIVAESE
;
_entity_poly.pdbx_strand_id   A,B
#
loop_
_chem_comp.id
_chem_comp.type
_chem_comp.name
_chem_comp.formula
ADP non-polymer ADENOSINE-5'-DIPHOSPHATE 'C10 H15 N5 O10 P2'
MG non-polymer 'MAGNESIUM ION' 'Mg 2'
SO4 non-polymer 'SULFATE ION' 'O4 S -2'
#
# COMPACT_ATOMS: atom_id res chain seq x y z
N ALA A 18 -28.37 13.60 -9.01
CA ALA A 18 -27.50 12.53 -9.48
C ALA A 18 -26.24 12.47 -8.62
N PHE A 19 -25.81 13.64 -8.17
CA PHE A 19 -24.60 13.77 -7.37
C PHE A 19 -24.91 14.36 -6.00
N GLY A 20 -24.10 13.99 -5.00
CA GLY A 20 -24.36 14.41 -3.63
C GLY A 20 -23.14 15.03 -2.98
N VAL A 21 -23.14 15.07 -1.66
CA VAL A 21 -22.10 15.76 -0.92
C VAL A 21 -20.72 15.13 -1.17
N GLU A 22 -20.67 13.79 -1.22
CA GLU A 22 -19.39 13.11 -1.43
C GLU A 22 -18.75 13.52 -2.74
N GLU A 23 -19.53 13.52 -3.82
CA GLU A 23 -19.00 13.94 -5.11
C GLU A 23 -18.56 15.40 -5.09
N ARG A 24 -19.40 16.26 -4.52
CA ARG A 24 -19.05 17.68 -4.50
C ARG A 24 -17.73 17.91 -3.77
N ASN A 25 -17.55 17.21 -2.67
CA ASN A 25 -16.33 17.36 -1.89
C ASN A 25 -15.12 16.87 -2.65
N MSE A 26 -15.28 15.75 -3.37
CA MSE A 26 -14.18 15.21 -4.16
C MSE A 26 -13.85 16.13 -5.33
O MSE A 26 -12.67 16.33 -5.65
CB MSE A 26 -14.50 13.80 -4.66
CG MSE A 26 -14.22 12.71 -3.62
SE MSE A 26 -14.49 10.92 -4.38
CE MSE A 26 -16.36 10.69 -4.01
N VAL A 27 -14.87 16.70 -5.94
CA VAL A 27 -14.62 17.64 -7.04
C VAL A 27 -13.90 18.87 -6.53
N SER A 28 -14.29 19.36 -5.36
CA SER A 28 -13.60 20.50 -4.77
C SER A 28 -12.13 20.12 -4.54
N GLY A 29 -11.92 18.91 -4.06
CA GLY A 29 -10.57 18.42 -3.80
C GLY A 29 -9.74 18.43 -5.05
N VAL A 30 -10.29 17.89 -6.13
CA VAL A 30 -9.56 17.89 -7.40
C VAL A 30 -9.23 19.31 -7.83
N LEU A 31 -10.19 20.22 -7.73
CA LEU A 31 -9.98 21.59 -8.20
C LEU A 31 -9.07 22.45 -7.32
N THR A 32 -8.57 21.87 -6.23
CA THR A 32 -7.63 22.61 -5.39
C THR A 32 -6.24 21.95 -5.32
N LEU A 33 -6.09 20.79 -5.98
CA LEU A 33 -4.81 20.07 -5.97
C LEU A 33 -3.68 20.95 -6.48
N ALA A 34 -3.92 21.60 -7.61
CA ALA A 34 -2.90 22.43 -8.23
C ALA A 34 -2.49 23.63 -7.38
N GLU A 35 -3.27 23.95 -6.34
CA GLU A 35 -2.94 25.07 -5.48
C GLU A 35 -2.21 24.63 -4.21
N ARG A 36 -2.40 23.37 -3.82
CA ARG A 36 -1.83 22.86 -2.58
C ARG A 36 -0.37 22.44 -2.77
N SER A 37 0.40 22.49 -1.70
CA SER A 37 1.82 22.15 -1.79
C SER A 37 2.02 20.68 -1.49
N ILE A 38 3.13 20.13 -1.99
CA ILE A 38 3.53 18.79 -1.59
C ILE A 38 3.72 18.72 -0.08
N ARG A 39 4.28 19.78 0.49
CA ARG A 39 4.48 19.84 1.93
C ARG A 39 3.17 19.59 2.68
N SER A 40 2.07 20.14 2.16
CA SER A 40 0.77 19.99 2.81
C SER A 40 0.15 18.59 2.75
N ILE A 41 0.67 17.71 1.89
CA ILE A 41 0.11 16.37 1.79
C ILE A 41 1.06 15.24 2.19
N MSE A 42 2.37 15.53 2.23
CA MSE A 42 3.34 14.45 2.42
C MSE A 42 3.38 14.01 3.88
O MSE A 42 2.95 14.74 4.79
CB MSE A 42 4.74 14.92 2.01
CG MSE A 42 5.33 15.94 2.99
SE MSE A 42 7.00 16.73 2.38
CE MSE A 42 7.32 17.90 3.90
N THR A 43 3.88 12.82 4.12
CA THR A 43 4.22 12.42 5.47
C THR A 43 5.50 13.18 5.82
N PRO A 44 5.46 14.00 6.89
CA PRO A 44 6.63 14.83 7.21
C PRO A 44 7.81 14.05 7.81
N ARG A 45 8.99 14.64 7.72
CA ARG A 45 10.24 14.06 8.20
C ARG A 45 10.10 13.38 9.57
N THR A 46 9.48 14.09 10.51
CA THR A 46 9.38 13.60 11.87
C THR A 46 8.58 12.29 11.99
N ASP A 47 7.73 12.00 11.01
CA ASP A 47 6.96 10.76 11.02
C ASP A 47 7.46 9.69 10.05
N VAL A 48 8.61 9.91 9.43
CA VAL A 48 9.14 8.91 8.52
C VAL A 48 9.63 7.69 9.33
N SER A 49 9.22 6.49 8.93
CA SER A 49 9.76 5.26 9.57
C SER A 49 10.91 4.82 8.69
N TRP A 50 12.12 4.77 9.24
CA TRP A 50 13.30 4.41 8.45
C TRP A 50 14.17 3.44 9.23
N VAL A 51 14.89 2.61 8.50
CA VAL A 51 15.70 1.55 9.11
C VAL A 51 17.15 2.01 9.11
N ASN A 52 17.78 1.93 10.29
CA ASN A 52 19.20 2.24 10.44
C ASN A 52 19.98 0.95 10.25
N ILE A 53 20.71 0.86 9.15
CA ILE A 53 21.34 -0.40 8.79
C ILE A 53 22.37 -0.83 9.85
N ASP A 54 22.80 0.13 10.66
CA ASP A 54 23.74 -0.13 11.76
C ASP A 54 23.12 -0.69 13.05
N ASP A 55 21.80 -0.65 13.15
CA ASP A 55 21.10 -1.24 14.30
C ASP A 55 21.22 -2.76 14.29
N ASP A 56 21.06 -3.38 15.45
CA ASP A 56 21.10 -4.84 15.54
C ASP A 56 19.79 -5.44 14.97
N ALA A 57 19.84 -6.72 14.60
CA ALA A 57 18.72 -7.36 13.92
C ALA A 57 17.45 -7.34 14.78
N ALA A 58 17.59 -7.55 16.08
CA ALA A 58 16.39 -7.60 16.93
C ALA A 58 15.63 -6.26 16.92
N THR A 59 16.40 -5.18 17.03
CA THR A 59 15.82 -3.84 17.00
C THR A 59 15.08 -3.59 15.71
N ILE A 60 15.71 -3.90 14.58
CA ILE A 60 15.10 -3.61 13.29
C ILE A 60 13.85 -4.45 13.08
N ARG A 61 13.98 -5.74 13.40
CA ARG A 61 12.82 -6.63 13.28
C ARG A 61 11.62 -6.11 14.06
N GLN A 62 11.85 -5.63 15.28
CA GLN A 62 10.75 -5.09 16.10
C GLN A 62 10.12 -3.87 15.42
N GLN A 63 10.96 -3.01 14.87
CA GLN A 63 10.51 -1.81 14.19
C GLN A 63 9.63 -2.17 12.97
N LEU A 64 10.09 -3.13 12.19
CA LEU A 64 9.34 -3.52 11.00
C LEU A 64 7.97 -4.09 11.31
N THR A 65 7.84 -4.88 12.38
CA THR A 65 6.53 -5.45 12.69
CA THR A 65 6.53 -5.47 12.71
C THR A 65 5.62 -4.46 13.38
N ALA A 66 6.20 -3.51 14.10
CA ALA A 66 5.39 -2.50 14.78
C ALA A 66 4.79 -1.46 13.83
N ALA A 67 5.46 -1.19 12.72
CA ALA A 67 5.00 -0.16 11.79
C ALA A 67 3.96 -0.71 10.84
N PRO A 68 3.01 0.14 10.41
CA PRO A 68 2.03 -0.38 9.47
C PRO A 68 2.57 -0.40 8.04
N HIS A 69 3.75 0.19 7.82
CA HIS A 69 4.25 0.41 6.45
C HIS A 69 4.98 -0.77 5.85
N SER A 70 4.98 -0.84 4.53
CA SER A 70 5.64 -1.92 3.81
C SER A 70 7.02 -1.54 3.26
N PHE A 71 7.21 -0.27 2.85
CA PHE A 71 8.51 0.15 2.33
C PHE A 71 9.17 1.12 3.32
N PHE A 72 10.49 1.03 3.45
CA PHE A 72 11.26 1.84 4.40
C PHE A 72 12.55 2.35 3.76
N PRO A 73 12.81 3.65 3.89
CA PRO A 73 14.18 4.09 3.61
C PRO A 73 15.14 3.30 4.52
N VAL A 74 16.23 2.79 3.94
CA VAL A 74 17.27 2.13 4.72
C VAL A 74 18.50 3.02 4.66
N CYS A 75 18.99 3.40 5.84
CA CYS A 75 19.97 4.47 5.93
C CYS A 75 21.13 4.10 6.84
N ARG A 76 22.26 4.78 6.67
CA ARG A 76 23.41 4.47 7.48
C ARG A 76 23.59 5.54 8.55
N GLY A 77 23.04 5.28 9.73
CA GLY A 77 23.25 6.15 10.89
C GLY A 77 22.26 7.28 11.08
N SER A 78 21.76 7.85 9.98
CA SER A 78 20.77 8.92 10.08
C SER A 78 19.92 8.90 8.82
N LEU A 79 18.73 9.48 8.91
CA LEU A 79 17.75 9.45 7.82
C LEU A 79 18.31 9.98 6.51
N ASP A 80 19.05 11.08 6.58
CA ASP A 80 19.60 11.66 5.36
C ASP A 80 20.60 10.76 4.62
N GLU A 81 21.21 9.82 5.33
CA GLU A 81 22.22 8.95 4.71
C GLU A 81 21.56 7.73 4.07
N VAL A 82 20.68 7.97 3.11
CA VAL A 82 19.88 6.90 2.49
C VAL A 82 20.73 6.04 1.60
N VAL A 83 20.70 4.73 1.84
CA VAL A 83 21.41 3.78 0.99
C VAL A 83 20.46 3.18 -0.05
N GLY A 84 19.21 2.99 0.33
CA GLY A 84 18.22 2.53 -0.62
C GLY A 84 16.88 2.39 0.06
N ILE A 85 15.90 1.86 -0.66
CA ILE A 85 14.58 1.64 -0.10
C ILE A 85 14.41 0.13 0.07
N GLY A 86 13.96 -0.28 1.25
CA GLY A 86 13.78 -1.70 1.52
C GLY A 86 12.32 -2.08 1.63
N ARG A 87 11.99 -3.30 1.18
CA ARG A 87 10.66 -3.87 1.35
CA ARG A 87 10.68 -3.86 1.34
C ARG A 87 10.66 -4.68 2.64
N ALA A 88 9.74 -4.39 3.54
CA ALA A 88 9.73 -5.07 4.84
C ALA A 88 9.83 -6.60 4.74
N LYS A 89 9.07 -7.20 3.83
CA LYS A 89 9.06 -8.66 3.76
C LYS A 89 10.42 -9.22 3.36
N ASP A 90 11.18 -8.48 2.54
CA ASP A 90 12.54 -8.88 2.19
C ASP A 90 13.50 -8.60 3.34
N LEU A 91 13.38 -7.44 3.96
CA LEU A 91 14.24 -7.08 5.09
C LEU A 91 14.15 -8.10 6.23
N VAL A 92 12.92 -8.51 6.57
CA VAL A 92 12.74 -9.44 7.69
C VAL A 92 13.48 -10.73 7.40
N ALA A 93 13.38 -11.19 6.15
CA ALA A 93 14.05 -12.42 5.76
C ALA A 93 15.57 -12.31 5.92
N ASP A 94 16.16 -11.24 5.39
CA ASP A 94 17.59 -10.96 5.52
C ASP A 94 17.99 -10.95 6.99
N LEU A 95 17.24 -10.22 7.81
CA LEU A 95 17.62 -10.02 9.21
C LEU A 95 17.61 -11.35 9.98
N ILE A 96 16.61 -12.19 9.73
CA ILE A 96 16.53 -13.46 10.44
C ILE A 96 17.63 -14.40 9.96
N THR A 97 17.75 -14.58 8.64
CA THR A 97 18.66 -15.59 8.12
C THR A 97 20.13 -15.14 8.01
N GLU A 98 20.37 -13.84 7.91
CA GLU A 98 21.75 -13.34 7.72
C GLU A 98 22.18 -12.36 8.81
N GLY A 99 21.24 -11.92 9.63
CA GLY A 99 21.56 -11.06 10.77
C GLY A 99 21.75 -9.59 10.40
N ARG A 100 21.47 -9.23 9.15
CA ARG A 100 21.70 -7.86 8.67
C ARG A 100 20.91 -7.60 7.41
N VAL A 101 20.67 -6.33 7.08
CA VAL A 101 20.07 -5.98 5.79
C VAL A 101 21.06 -6.24 4.65
N ARG A 102 20.61 -6.90 3.59
CA ARG A 102 21.44 -7.08 2.39
C ARG A 102 21.35 -5.83 1.51
N ARG A 103 22.42 -5.05 1.48
CA ARG A 103 22.42 -3.76 0.79
C ARG A 103 22.10 -3.89 -0.70
N ASN A 104 22.57 -4.97 -1.31
CA ASN A 104 22.43 -5.12 -2.76
C ASN A 104 21.03 -5.49 -3.21
N ARG A 105 20.14 -5.70 -2.25
CA ARG A 105 18.76 -6.09 -2.54
C ARG A 105 17.83 -4.88 -2.43
N LEU A 106 18.37 -3.77 -1.97
CA LEU A 106 17.58 -2.55 -1.82
C LEU A 106 17.25 -1.97 -3.19
N ARG A 107 16.13 -1.25 -3.27
CA ARG A 107 15.75 -0.52 -4.48
C ARG A 107 16.30 0.91 -4.46
N ASP A 108 16.63 1.44 -5.63
CA ASP A 108 17.11 2.82 -5.72
C ASP A 108 16.00 3.78 -5.32
N PRO A 109 16.34 4.82 -4.54
CA PRO A 109 15.32 5.77 -4.11
C PRO A 109 14.84 6.63 -5.28
N ILE A 110 13.57 7.02 -5.25
CA ILE A 110 13.02 8.01 -6.17
C ILE A 110 12.84 9.26 -5.32
N ILE A 111 13.42 10.38 -5.76
CA ILE A 111 13.49 11.57 -4.95
C ILE A 111 13.10 12.81 -5.75
N VAL A 112 12.21 13.62 -5.17
CA VAL A 112 11.82 14.87 -5.82
C VAL A 112 12.00 16.07 -4.90
N HIS A 113 12.05 17.26 -5.49
CA HIS A 113 12.06 18.49 -4.72
C HIS A 113 10.62 18.91 -4.43
N GLU A 114 10.39 19.51 -3.26
CA GLU A 114 9.04 19.84 -2.82
CA GLU A 114 9.04 19.83 -2.83
C GLU A 114 8.34 20.84 -3.76
N SER A 115 9.14 21.62 -4.48
CA SER A 115 8.57 22.66 -5.32
C SER A 115 7.90 22.17 -6.61
N ILE A 116 7.99 20.88 -6.95
CA ILE A 116 7.49 20.47 -8.26
C ILE A 116 5.96 20.48 -8.32
N GLY A 117 5.31 20.46 -7.17
CA GLY A 117 3.87 20.51 -7.13
C GLY A 117 3.19 19.16 -7.32
N ILE A 118 1.91 19.09 -6.98
CA ILE A 118 1.22 17.79 -6.90
C ILE A 118 0.96 17.14 -8.26
N LEU A 119 0.59 17.93 -9.27
CA LEU A 119 0.33 17.31 -10.58
C LEU A 119 1.59 16.59 -11.12
N ARG A 120 2.75 17.25 -11.05
CA ARG A 120 3.97 16.60 -11.49
C ARG A 120 4.33 15.41 -10.63
N LEU A 121 4.08 15.53 -9.33
CA LEU A 121 4.38 14.43 -8.42
C LEU A 121 3.53 13.20 -8.78
N MSE A 122 2.29 13.43 -9.20
CA MSE A 122 1.43 12.31 -9.55
C MSE A 122 2.03 11.51 -10.73
O MSE A 122 1.96 10.27 -10.74
CB MSE A 122 0.02 12.80 -9.90
CG MSE A 122 -0.73 13.32 -8.68
SE MSE A 122 -2.55 13.88 -9.21
CE MSE A 122 -3.07 12.20 -9.96
N ASP A 123 2.61 12.21 -11.69
CA ASP A 123 3.27 11.55 -12.81
C ASP A 123 4.40 10.65 -12.32
N THR A 124 5.17 11.16 -11.37
CA THR A 124 6.26 10.39 -10.77
C THR A 124 5.73 9.17 -10.00
N LEU A 125 4.64 9.35 -9.26
CA LEU A 125 4.08 8.26 -8.47
C LEU A 125 3.57 7.16 -9.38
N LYS A 126 3.01 7.55 -10.52
CA LYS A 126 2.56 6.57 -11.51
C LYS A 126 3.71 5.71 -12.02
N ARG A 127 4.92 6.26 -12.02
CA ARG A 127 6.08 5.53 -12.51
C ARG A 127 6.85 4.81 -11.39
N SER A 128 6.46 5.03 -10.15
CA SER A 128 7.24 4.53 -9.03
C SER A 128 6.88 3.09 -8.67
N ARG A 129 5.86 2.54 -9.33
CA ARG A 129 5.51 1.14 -9.17
C ARG A 129 5.40 0.71 -7.71
N GLY A 130 4.61 1.44 -6.92
CA GLY A 130 4.33 1.05 -5.55
C GLY A 130 5.32 1.54 -4.50
N GLN A 131 6.45 2.07 -4.97
CA GLN A 131 7.48 2.55 -4.04
C GLN A 131 7.20 3.99 -3.60
N LEU A 132 7.42 4.26 -2.33
CA LEU A 132 7.29 5.62 -1.80
C LEU A 132 8.27 6.57 -2.53
N VAL A 133 7.92 7.85 -2.59
CA VAL A 133 8.77 8.85 -3.17
C VAL A 133 9.28 9.72 -2.03
N LEU A 134 10.58 9.95 -1.97
CA LEU A 134 11.16 10.85 -0.97
C LEU A 134 11.12 12.29 -1.49
N VAL A 135 10.89 13.22 -0.57
CA VAL A 135 10.97 14.64 -0.87
C VAL A 135 12.21 15.17 -0.16
N ALA A 136 13.14 15.76 -0.91
CA ALA A 136 14.41 16.21 -0.34
C ALA A 136 14.80 17.57 -0.88
N ASP A 137 15.61 18.31 -0.14
CA ASP A 137 16.15 19.56 -0.64
C ASP A 137 17.43 19.33 -1.45
N GLU A 138 18.04 20.39 -1.95
CA GLU A 138 19.21 20.27 -2.83
C GLU A 138 20.41 19.72 -2.12
N PHE A 139 20.41 19.84 -0.79
CA PHE A 139 21.54 19.39 -0.01
C PHE A 139 21.36 17.96 0.46
N GLY A 140 20.23 17.36 0.07
CA GLY A 140 19.94 15.97 0.38
C GLY A 140 19.19 15.74 1.68
N ALA A 141 18.77 16.81 2.33
CA ALA A 141 18.00 16.65 3.58
C ALA A 141 16.59 16.16 3.25
N ILE A 142 16.20 15.04 3.86
CA ILE A 142 14.87 14.48 3.65
C ILE A 142 13.82 15.34 4.35
N GLU A 143 12.84 15.82 3.58
CA GLU A 143 11.78 16.63 4.16
C GLU A 143 10.53 15.81 4.46
N GLY A 144 10.38 14.69 3.76
CA GLY A 144 9.19 13.89 3.93
C GLY A 144 9.12 12.80 2.88
N LEU A 145 7.99 12.12 2.82
CA LEU A 145 7.79 11.11 1.79
C LEU A 145 6.31 11.07 1.43
N VAL A 146 6.03 10.56 0.23
CA VAL A 146 4.68 10.59 -0.29
C VAL A 146 4.40 9.32 -1.09
N THR A 147 3.15 8.86 -1.00
CA THR A 147 2.66 7.75 -1.82
C THR A 147 1.31 8.17 -2.42
N PRO A 148 0.72 7.32 -3.28
CA PRO A 148 -0.55 7.77 -3.90
C PRO A 148 -1.65 8.03 -2.88
N ILE A 149 -1.61 7.30 -1.76
CA ILE A 149 -2.60 7.54 -0.70
C ILE A 149 -2.62 8.98 -0.24
N ASP A 150 -1.44 9.60 -0.11
CA ASP A 150 -1.38 10.99 0.33
C ASP A 150 -2.09 11.95 -0.64
N VAL A 151 -1.96 11.70 -1.93
CA VAL A 151 -2.66 12.50 -2.93
C VAL A 151 -4.15 12.21 -2.90
N PHE A 152 -4.50 10.93 -2.84
CA PHE A 152 -5.91 10.53 -2.81
C PHE A 152 -6.64 11.17 -1.61
N GLU A 153 -5.96 11.28 -0.47
CA GLU A 153 -6.58 11.88 0.72
C GLU A 153 -6.93 13.34 0.50
N ALA A 154 -6.13 14.05 -0.28
CA ALA A 154 -6.42 15.44 -0.65
C ALA A 154 -7.71 15.59 -1.47
N ILE A 155 -8.13 14.50 -2.11
CA ILE A 155 -9.37 14.46 -2.90
C ILE A 155 -10.54 13.90 -2.11
N ALA A 156 -10.33 12.77 -1.44
CA ALA A 156 -11.42 11.95 -0.92
C ALA A 156 -11.49 11.87 0.60
N GLY A 157 -10.58 12.53 1.31
CA GLY A 157 -10.60 12.50 2.77
C GLY A 157 -9.67 11.43 3.32
N GLU A 158 -9.58 11.32 4.64
CA GLU A 158 -8.55 10.50 5.28
C GLU A 158 -8.75 9.00 5.12
N PHE A 159 -7.63 8.31 4.85
CA PHE A 159 -7.55 6.86 4.97
C PHE A 159 -6.47 6.57 6.01
N PRO A 160 -6.81 6.71 7.29
CA PRO A 160 -5.77 6.64 8.34
C PRO A 160 -5.12 5.25 8.42
N ASP A 161 -3.83 5.25 8.76
CA ASP A 161 -3.12 3.99 8.98
C ASP A 161 -3.62 3.31 10.23
N GLU A 162 -3.18 2.08 10.45
CA GLU A 162 -3.61 1.31 11.61
C GLU A 162 -3.21 2.00 12.91
N ASP A 163 -2.17 2.81 12.87
CA ASP A 163 -1.70 3.47 14.09
C ASP A 163 -2.03 4.96 14.12
N GLU A 164 -3.02 5.35 13.33
CA GLU A 164 -3.49 6.72 13.29
C GLU A 164 -4.96 6.78 13.69
N LEU A 165 -5.42 7.92 14.16
CA LEU A 165 -6.79 8.03 14.65
C LEU A 165 -7.83 7.70 13.56
N PRO A 166 -8.79 6.82 13.88
CA PRO A 166 -9.80 6.32 12.93
C PRO A 166 -10.80 7.39 12.48
N PHE B 19 -3.47 22.30 -21.26
CA PHE B 19 -3.53 21.95 -19.85
C PHE B 19 -4.93 22.17 -19.28
N GLY B 20 -5.04 22.02 -17.95
CA GLY B 20 -6.33 21.99 -17.29
C GLY B 20 -6.94 20.62 -17.53
N VAL B 21 -6.35 19.87 -18.45
CA VAL B 21 -6.90 18.57 -18.84
C VAL B 21 -6.88 17.55 -17.71
N GLU B 22 -5.80 17.55 -16.91
CA GLU B 22 -5.69 16.58 -15.82
C GLU B 22 -6.84 16.80 -14.85
N GLU B 23 -7.11 18.05 -14.51
CA GLU B 23 -8.22 18.36 -13.63
C GLU B 23 -9.55 17.98 -14.26
N ARG B 24 -9.76 18.33 -15.52
CA ARG B 24 -11.03 17.97 -16.19
C ARG B 24 -11.26 16.46 -16.15
N ASN B 25 -10.23 15.70 -16.47
CA ASN B 25 -10.34 14.24 -16.50
C ASN B 25 -10.62 13.66 -15.13
N MSE B 26 -9.98 14.22 -14.11
CA MSE B 26 -10.23 13.77 -12.74
C MSE B 26 -11.63 14.12 -12.26
O MSE B 26 -12.28 13.34 -11.57
CB MSE B 26 -9.18 14.32 -11.77
CG MSE B 26 -7.87 13.52 -11.71
SE MSE B 26 -6.71 14.22 -10.29
CE MSE B 26 -5.87 15.64 -11.25
N VAL B 27 -12.10 15.32 -12.62
CA VAL B 27 -13.48 15.67 -12.30
C VAL B 27 -14.47 14.73 -13.00
N SER B 28 -14.21 14.42 -14.26
CA SER B 28 -15.06 13.49 -14.98
C SER B 28 -15.07 12.14 -14.27
N GLY B 29 -13.88 11.70 -13.85
CA GLY B 29 -13.77 10.47 -13.09
C GLY B 29 -14.62 10.47 -11.84
N VAL B 30 -14.53 11.54 -11.05
CA VAL B 30 -15.33 11.64 -9.83
C VAL B 30 -16.83 11.55 -10.16
N LEU B 31 -17.26 12.25 -11.21
CA LEU B 31 -18.69 12.31 -11.51
C LEU B 31 -19.22 11.05 -12.17
N THR B 32 -18.38 10.05 -12.37
CA THR B 32 -18.88 8.77 -12.89
C THR B 32 -18.67 7.63 -11.90
N LEU B 33 -18.09 7.94 -10.75
CA LEU B 33 -17.88 6.94 -9.69
C LEU B 33 -19.16 6.22 -9.26
N ALA B 34 -20.20 7.00 -8.97
CA ALA B 34 -21.45 6.44 -8.46
C ALA B 34 -22.21 5.63 -9.50
N GLU B 35 -21.70 5.64 -10.72
CA GLU B 35 -22.35 4.93 -11.82
C GLU B 35 -21.59 3.65 -12.18
N ARG B 36 -20.32 3.59 -11.78
CA ARG B 36 -19.47 2.44 -12.10
C ARG B 36 -19.64 1.36 -11.05
N SER B 37 -19.44 0.11 -11.44
CA SER B 37 -19.59 -1.00 -10.52
C SER B 37 -18.29 -1.31 -9.83
N ILE B 38 -18.39 -1.92 -8.65
CA ILE B 38 -17.20 -2.44 -7.98
C ILE B 38 -16.49 -3.44 -8.88
N ARG B 39 -17.25 -4.26 -9.59
CA ARG B 39 -16.68 -5.25 -10.49
C ARG B 39 -15.71 -4.61 -11.47
N SER B 40 -16.07 -3.42 -11.95
CA SER B 40 -15.27 -2.73 -12.96
C SER B 40 -13.97 -2.12 -12.45
N ILE B 41 -13.83 -1.97 -11.13
CA ILE B 41 -12.59 -1.41 -10.58
C ILE B 41 -11.74 -2.40 -9.77
N MSE B 42 -12.33 -3.50 -9.33
CA MSE B 42 -11.62 -4.44 -8.46
C MSE B 42 -10.56 -5.26 -9.19
O MSE B 42 -10.58 -5.40 -10.41
CB MSE B 42 -12.60 -5.41 -7.78
CG MSE B 42 -13.26 -6.38 -8.76
SE MSE B 42 -14.60 -7.52 -7.90
CE MSE B 42 -14.98 -8.63 -9.45
N THR B 43 -9.62 -5.78 -8.42
CA THR B 43 -8.72 -6.82 -8.91
C THR B 43 -9.55 -8.11 -8.97
N PRO B 44 -9.69 -8.68 -10.18
CA PRO B 44 -10.58 -9.84 -10.33
C PRO B 44 -9.99 -11.12 -9.74
N ARG B 45 -10.88 -12.08 -9.45
CA ARG B 45 -10.52 -13.34 -8.83
C ARG B 45 -9.29 -13.97 -9.48
N THR B 46 -9.27 -13.96 -10.81
CA THR B 46 -8.19 -14.62 -11.54
C THR B 46 -6.81 -14.01 -11.24
N ASP B 47 -6.79 -12.76 -10.78
CA ASP B 47 -5.55 -12.06 -10.49
C ASP B 47 -5.22 -11.97 -9.00
N VAL B 48 -6.05 -12.58 -8.15
CA VAL B 48 -5.80 -12.54 -6.71
C VAL B 48 -4.55 -13.35 -6.35
N SER B 49 -3.62 -12.73 -5.62
CA SER B 49 -2.51 -13.49 -5.02
C SER B 49 -2.92 -13.95 -3.63
N TRP B 50 -2.97 -15.26 -3.41
CA TRP B 50 -3.37 -15.79 -2.12
C TRP B 50 -2.44 -16.92 -1.68
N VAL B 51 -2.29 -17.09 -0.38
CA VAL B 51 -1.37 -18.06 0.16
C VAL B 51 -2.16 -19.30 0.53
N ASN B 52 -1.70 -20.46 0.05
CA ASN B 52 -2.30 -21.73 0.42
C ASN B 52 -1.54 -22.24 1.63
N ILE B 53 -2.19 -22.22 2.79
CA ILE B 53 -1.58 -22.56 4.06
C ILE B 53 -1.03 -24.00 4.06
N ASP B 54 -1.49 -24.83 3.12
CA ASP B 54 -1.05 -26.22 3.02
C ASP B 54 0.19 -26.39 2.11
N ASP B 55 0.60 -25.32 1.44
CA ASP B 55 1.84 -25.38 0.65
C ASP B 55 3.06 -25.53 1.58
N ASP B 56 4.16 -26.04 1.06
CA ASP B 56 5.35 -26.11 1.89
C ASP B 56 5.95 -24.71 2.03
N ALA B 57 6.71 -24.52 3.11
CA ALA B 57 7.23 -23.21 3.46
C ALA B 57 8.06 -22.55 2.37
N ALA B 58 8.91 -23.33 1.70
CA ALA B 58 9.76 -22.75 0.65
C ALA B 58 8.93 -22.19 -0.51
N THR B 59 7.85 -22.90 -0.84
CA THR B 59 6.92 -22.46 -1.89
C THR B 59 6.26 -21.13 -1.53
N ILE B 60 5.77 -21.02 -0.29
CA ILE B 60 5.11 -19.78 0.13
C ILE B 60 6.12 -18.63 0.20
N ARG B 61 7.30 -18.89 0.74
CA ARG B 61 8.34 -17.86 0.81
C ARG B 61 8.64 -17.28 -0.59
N GLN B 62 8.74 -18.17 -1.58
CA GLN B 62 9.02 -17.74 -2.95
C GLN B 62 7.87 -16.91 -3.51
N GLN B 63 6.65 -17.35 -3.24
CA GLN B 63 5.48 -16.64 -3.70
C GLN B 63 5.44 -15.23 -3.13
N LEU B 64 5.72 -15.12 -1.84
CA LEU B 64 5.65 -13.83 -1.16
C LEU B 64 6.67 -12.82 -1.71
N THR B 65 7.90 -13.27 -1.99
CA THR B 65 8.90 -12.32 -2.49
CA THR B 65 8.93 -12.34 -2.50
C THR B 65 8.66 -11.95 -3.94
N ALA B 66 8.12 -12.88 -4.71
CA ALA B 66 7.89 -12.65 -6.12
C ALA B 66 6.74 -11.69 -6.38
N ALA B 67 5.70 -11.75 -5.56
CA ALA B 67 4.55 -10.87 -5.78
C ALA B 67 4.84 -9.47 -5.24
N PRO B 68 4.21 -8.44 -5.83
CA PRO B 68 4.50 -7.08 -5.37
C PRO B 68 3.64 -6.69 -4.14
N HIS B 69 2.65 -7.51 -3.81
CA HIS B 69 1.66 -7.12 -2.81
C HIS B 69 2.12 -7.35 -1.39
N SER B 70 1.52 -6.63 -0.45
CA SER B 70 1.87 -6.73 0.96
C SER B 70 0.88 -7.58 1.78
N PHE B 71 -0.39 -7.52 1.43
CA PHE B 71 -1.40 -8.34 2.12
C PHE B 71 -1.87 -9.47 1.20
N PHE B 72 -2.11 -10.63 1.79
CA PHE B 72 -2.58 -11.82 1.06
C PHE B 72 -3.69 -12.53 1.83
N PRO B 73 -4.79 -12.86 1.14
CA PRO B 73 -5.68 -13.84 1.77
C PRO B 73 -4.87 -15.12 2.04
N VAL B 74 -5.09 -15.72 3.19
CA VAL B 74 -4.43 -16.97 3.54
C VAL B 74 -5.54 -18.00 3.65
N CYS B 75 -5.44 -19.06 2.85
CA CYS B 75 -6.55 -19.98 2.65
C CYS B 75 -6.11 -21.42 2.77
N ARG B 76 -7.06 -22.29 3.06
CA ARG B 76 -6.75 -23.71 3.19
C ARG B 76 -7.20 -24.46 1.95
N GLY B 77 -6.29 -24.63 0.99
CA GLY B 77 -6.55 -25.51 -0.14
C GLY B 77 -7.07 -24.81 -1.38
N SER B 78 -7.90 -23.79 -1.20
CA SER B 78 -8.48 -23.05 -2.31
C SER B 78 -8.81 -21.64 -1.83
N LEU B 79 -8.92 -20.71 -2.77
CA LEU B 79 -9.17 -19.31 -2.44
C LEU B 79 -10.40 -19.09 -1.55
N ASP B 80 -11.51 -19.78 -1.83
CA ASP B 80 -12.72 -19.54 -1.07
C ASP B 80 -12.59 -19.95 0.40
N GLU B 81 -11.65 -20.85 0.69
CA GLU B 81 -11.49 -21.32 2.06
C GLU B 81 -10.58 -20.39 2.86
N VAL B 82 -11.00 -19.14 2.98
CA VAL B 82 -10.23 -18.09 3.63
C VAL B 82 -10.16 -18.32 5.11
N VAL B 83 -8.94 -18.33 5.64
CA VAL B 83 -8.70 -18.50 7.06
C VAL B 83 -8.49 -17.14 7.69
N GLY B 84 -7.87 -16.23 6.94
CA GLY B 84 -7.54 -14.92 7.45
C GLY B 84 -6.78 -14.12 6.42
N ILE B 85 -6.40 -12.89 6.76
CA ILE B 85 -5.58 -12.07 5.87
C ILE B 85 -4.21 -11.95 6.52
N GLY B 86 -3.14 -12.20 5.76
CA GLY B 86 -1.81 -12.14 6.34
C GLY B 86 -0.98 -10.99 5.78
N ARG B 87 -0.15 -10.35 6.61
CA ARG B 87 0.84 -9.39 6.13
CA ARG B 87 0.84 -9.40 6.13
C ARG B 87 2.10 -10.15 5.74
N ALA B 88 2.63 -9.89 4.54
CA ALA B 88 3.80 -10.65 4.07
C ALA B 88 4.95 -10.61 5.05
N LYS B 89 5.24 -9.43 5.59
CA LYS B 89 6.37 -9.34 6.52
C LYS B 89 6.19 -10.23 7.77
N ASP B 90 4.94 -10.45 8.18
CA ASP B 90 4.67 -11.35 9.32
C ASP B 90 4.73 -12.81 8.89
N LEU B 91 4.16 -13.09 7.73
CA LEU B 91 4.15 -14.46 7.20
C LEU B 91 5.56 -14.95 7.00
N VAL B 92 6.41 -14.09 6.43
CA VAL B 92 7.79 -14.46 6.15
C VAL B 92 8.50 -14.88 7.44
N ALA B 93 8.33 -14.11 8.50
CA ALA B 93 9.02 -14.39 9.74
C ALA B 93 8.57 -15.72 10.32
N ASP B 94 7.26 -15.97 10.28
CA ASP B 94 6.70 -17.24 10.78
C ASP B 94 7.21 -18.43 9.97
N LEU B 95 7.22 -18.28 8.65
CA LEU B 95 7.68 -19.36 7.79
C LEU B 95 9.13 -19.73 8.06
N ILE B 96 9.96 -18.72 8.31
CA ILE B 96 11.36 -18.98 8.61
C ILE B 96 11.53 -19.54 10.03
N THR B 97 10.89 -18.93 11.01
CA THR B 97 11.10 -19.37 12.40
C THR B 97 10.25 -20.58 12.85
N GLU B 98 9.04 -20.71 12.30
CA GLU B 98 8.14 -21.79 12.69
C GLU B 98 7.96 -22.85 11.61
N GLY B 99 8.36 -22.55 10.38
CA GLY B 99 8.17 -23.47 9.27
C GLY B 99 6.75 -23.54 8.72
N ARG B 100 5.90 -22.63 9.18
CA ARG B 100 4.50 -22.64 8.76
C ARG B 100 3.86 -21.28 9.07
N VAL B 101 2.73 -21.03 8.45
CA VAL B 101 1.94 -19.84 8.75
C VAL B 101 1.21 -20.04 10.08
N ARG B 102 1.38 -19.10 11.01
CA ARG B 102 0.62 -19.13 12.25
CA ARG B 102 0.61 -19.14 12.25
C ARG B 102 -0.78 -18.52 12.07
N ARG B 103 -1.80 -19.36 12.12
CA ARG B 103 -3.19 -18.91 11.94
C ARG B 103 -3.61 -17.82 12.90
N ASN B 104 -3.19 -17.93 14.14
CA ASN B 104 -3.66 -17.00 15.17
C ASN B 104 -3.03 -15.63 15.10
N ARG B 105 -2.21 -15.42 14.08
CA ARG B 105 -1.57 -14.12 13.86
C ARG B 105 -2.22 -13.39 12.69
N LEU B 106 -3.14 -14.06 12.01
CA LEU B 106 -3.78 -13.50 10.83
C LEU B 106 -4.80 -12.45 11.23
N ARG B 107 -5.07 -11.52 10.32
CA ARG B 107 -6.11 -10.52 10.55
C ARG B 107 -7.46 -11.02 10.05
N ASP B 108 -8.51 -10.57 10.72
CA ASP B 108 -9.88 -10.86 10.30
C ASP B 108 -10.16 -10.27 8.92
N PRO B 109 -10.77 -11.06 8.04
CA PRO B 109 -11.09 -10.53 6.71
C PRO B 109 -12.21 -9.49 6.76
N ILE B 110 -12.12 -8.52 5.85
CA ILE B 110 -13.17 -7.55 5.63
C ILE B 110 -13.75 -7.87 4.28
N ILE B 111 -15.08 -8.09 4.23
CA ILE B 111 -15.71 -8.64 3.04
C ILE B 111 -17.00 -7.89 2.73
N VAL B 112 -17.15 -7.50 1.47
CA VAL B 112 -18.36 -6.82 1.02
C VAL B 112 -18.97 -7.53 -0.18
N HIS B 113 -20.24 -7.26 -0.44
CA HIS B 113 -20.91 -7.76 -1.64
C HIS B 113 -20.70 -6.74 -2.77
N GLU B 114 -20.52 -7.22 -4.00
CA GLU B 114 -20.22 -6.33 -5.13
CA GLU B 114 -20.23 -6.35 -5.14
C GLU B 114 -21.32 -5.29 -5.38
N SER B 115 -22.53 -5.57 -4.92
CA SER B 115 -23.65 -4.66 -5.20
C SER B 115 -23.68 -3.37 -4.35
N ILE B 116 -22.79 -3.24 -3.35
CA ILE B 116 -22.89 -2.07 -2.48
C ILE B 116 -22.47 -0.76 -3.16
N GLY B 117 -21.75 -0.86 -4.28
CA GLY B 117 -21.35 0.34 -5.00
C GLY B 117 -20.10 1.01 -4.46
N ILE B 118 -19.48 1.87 -5.27
CA ILE B 118 -18.17 2.42 -4.94
C ILE B 118 -18.20 3.40 -3.77
N LEU B 119 -19.21 4.29 -3.70
CA LEU B 119 -19.25 5.22 -2.57
C LEU B 119 -19.27 4.51 -1.21
N ARG B 120 -20.12 3.49 -1.07
CA ARG B 120 -20.16 2.74 0.17
C ARG B 120 -18.86 1.98 0.42
N LEU B 121 -18.28 1.45 -0.65
CA LEU B 121 -17.01 0.75 -0.52
C LEU B 121 -15.91 1.67 0.01
N MSE B 122 -15.97 2.94 -0.37
CA MSE B 122 -14.95 3.88 0.07
C MSE B 122 -15.00 4.05 1.59
O MSE B 122 -13.95 4.10 2.22
CB MSE B 122 -15.10 5.23 -0.65
CG MSE B 122 -14.79 5.17 -2.13
SE MSE B 122 -14.93 6.96 -2.93
CE MSE B 122 -13.65 7.79 -1.81
N ASP B 123 -16.19 4.10 2.16
CA ASP B 123 -16.34 4.15 3.62
C ASP B 123 -15.72 2.93 4.29
N THR B 124 -15.96 1.75 3.73
CA THR B 124 -15.34 0.52 4.21
C THR B 124 -13.81 0.58 4.11
N LEU B 125 -13.30 1.04 2.97
CA LEU B 125 -11.86 1.12 2.78
C LEU B 125 -11.21 2.10 3.79
N LYS B 126 -11.88 3.20 4.06
CA LYS B 126 -11.39 4.13 5.10
C LYS B 126 -11.27 3.47 6.47
N ARG B 127 -12.15 2.51 6.74
CA ARG B 127 -12.15 1.78 8.02
C ARG B 127 -11.25 0.54 8.02
N SER B 128 -10.71 0.17 6.86
CA SER B 128 -9.92 -1.06 6.76
C SER B 128 -8.47 -0.85 7.17
N ARG B 129 -8.06 0.41 7.30
CA ARG B 129 -6.73 0.75 7.80
C ARG B 129 -5.60 0.06 7.03
N GLY B 130 -5.66 0.09 5.71
CA GLY B 130 -4.58 -0.44 4.92
C GLY B 130 -4.77 -1.86 4.42
N GLN B 131 -5.74 -2.56 4.99
CA GLN B 131 -5.97 -3.96 4.61
C GLN B 131 -6.88 -4.03 3.38
N LEU B 132 -6.54 -4.89 2.44
CA LEU B 132 -7.42 -5.13 1.29
C LEU B 132 -8.83 -5.58 1.73
N VAL B 133 -9.82 -5.28 0.91
CA VAL B 133 -11.20 -5.70 1.15
C VAL B 133 -11.55 -6.76 0.12
N LEU B 134 -12.11 -7.88 0.58
CA LEU B 134 -12.54 -8.93 -0.32
C LEU B 134 -13.96 -8.64 -0.82
N VAL B 135 -14.21 -8.99 -2.08
CA VAL B 135 -15.55 -8.91 -2.63
C VAL B 135 -16.02 -10.35 -2.83
N ALA B 136 -17.13 -10.73 -2.21
CA ALA B 136 -17.60 -12.11 -2.23
C ALA B 136 -19.10 -12.18 -2.42
N ASP B 137 -19.58 -13.28 -2.99
CA ASP B 137 -21.04 -13.44 -3.08
C ASP B 137 -21.61 -14.02 -1.78
N GLU B 138 -22.92 -14.23 -1.75
CA GLU B 138 -23.61 -14.67 -0.54
C GLU B 138 -23.22 -16.08 -0.13
N PHE B 139 -22.68 -16.84 -1.07
CA PHE B 139 -22.26 -18.21 -0.79
C PHE B 139 -20.78 -18.29 -0.42
N GLY B 140 -20.12 -17.15 -0.39
CA GLY B 140 -18.73 -17.11 0.02
C GLY B 140 -17.72 -17.18 -1.11
N ALA B 141 -18.19 -17.24 -2.36
CA ALA B 141 -17.26 -17.26 -3.49
C ALA B 141 -16.57 -15.90 -3.61
N ILE B 142 -15.24 -15.93 -3.60
CA ILE B 142 -14.46 -14.69 -3.75
C ILE B 142 -14.49 -14.22 -5.19
N GLU B 143 -14.99 -13.02 -5.42
CA GLU B 143 -15.03 -12.46 -6.78
C GLU B 143 -13.85 -11.59 -7.12
N GLY B 144 -13.23 -11.02 -6.11
CA GLY B 144 -12.06 -10.20 -6.32
C GLY B 144 -11.71 -9.48 -5.04
N LEU B 145 -10.84 -8.49 -5.14
CA LEU B 145 -10.49 -7.71 -3.96
C LEU B 145 -10.18 -6.29 -4.39
N VAL B 146 -10.19 -5.37 -3.43
CA VAL B 146 -10.04 -3.98 -3.78
C VAL B 146 -9.32 -3.21 -2.67
N THR B 147 -8.53 -2.21 -3.07
CA THR B 147 -7.84 -1.34 -2.13
C THR B 147 -8.10 0.11 -2.56
N PRO B 148 -7.67 1.10 -1.74
CA PRO B 148 -7.94 2.49 -2.17
C PRO B 148 -7.34 2.81 -3.54
N ILE B 149 -6.23 2.18 -3.90
CA ILE B 149 -5.61 2.47 -5.21
C ILE B 149 -6.56 2.17 -6.36
N ASP B 150 -7.34 1.11 -6.23
CA ASP B 150 -8.27 0.74 -7.29
C ASP B 150 -9.32 1.83 -7.51
N VAL B 151 -9.75 2.48 -6.44
CA VAL B 151 -10.70 3.59 -6.54
C VAL B 151 -10.02 4.83 -7.10
N PHE B 152 -8.82 5.11 -6.61
CA PHE B 152 -8.05 6.27 -7.07
C PHE B 152 -7.83 6.17 -8.58
N GLU B 153 -7.52 4.96 -9.08
CA GLU B 153 -7.29 4.79 -10.52
C GLU B 153 -8.52 5.16 -11.34
N ALA B 154 -9.71 4.91 -10.78
CA ALA B 154 -10.94 5.30 -11.47
C ALA B 154 -11.09 6.81 -11.64
N ILE B 155 -10.39 7.57 -10.80
CA ILE B 155 -10.42 9.02 -10.87
C ILE B 155 -9.24 9.59 -11.65
N ALA B 156 -8.07 9.00 -11.44
CA ALA B 156 -6.82 9.64 -11.84
C ALA B 156 -5.98 8.89 -12.89
N GLY B 157 -6.42 7.71 -13.31
CA GLY B 157 -5.66 6.92 -14.26
C GLY B 157 -4.78 5.90 -13.56
N GLU B 158 -4.08 5.07 -14.33
CA GLU B 158 -3.40 3.88 -13.80
C GLU B 158 -2.17 4.15 -12.96
N PHE B 159 -2.07 3.43 -11.84
CA PHE B 159 -0.84 3.34 -11.05
C PHE B 159 -0.37 1.89 -11.09
N PRO B 160 0.30 1.50 -12.19
CA PRO B 160 0.62 0.09 -12.45
C PRO B 160 1.49 -0.52 -11.35
N ASP B 161 1.22 -1.78 -11.00
CA ASP B 161 2.08 -2.55 -10.11
C ASP B 161 3.43 -2.83 -10.77
N GLU B 162 4.40 -3.20 -9.93
CA GLU B 162 5.72 -3.58 -10.39
C GLU B 162 5.68 -4.58 -11.54
N ASP B 163 4.74 -5.52 -11.48
CA ASP B 163 4.70 -6.60 -12.48
C ASP B 163 3.64 -6.42 -13.56
N GLU B 164 3.19 -5.19 -13.78
CA GLU B 164 2.13 -4.92 -14.74
C GLU B 164 2.62 -4.13 -15.96
MG MG C . -2.24 8.80 7.24
MG MG D . 3.62 5.91 10.11
MG MG E . 1.01 -0.32 -3.01
MG MG F . -2.67 13.13 4.24
PB ADP G . 1.83 1.47 3.35
O1B ADP G . 0.65 0.58 3.12
O2B ADP G . 3.15 0.78 3.09
O3B ADP G . 1.81 2.18 4.67
PA ADP G . 0.63 3.43 1.49
O1A ADP G . 1.09 3.71 0.07
O2A ADP G . -0.67 2.68 1.62
O3A ADP G . 1.82 2.64 2.23
O5' ADP G . 0.58 4.79 2.30
C5' ADP G . -0.24 4.99 3.45
C4' ADP G . 0.42 6.07 4.31
O4' ADP G . 1.67 5.58 4.87
C3' ADP G . 0.78 7.33 3.52
O3' ADP G . 0.48 8.46 4.33
C2' ADP G . 2.30 7.24 3.35
O2' ADP G . 2.92 8.53 3.16
C1' ADP G . 2.68 6.56 4.65
N9 ADP G . 3.95 5.80 4.59
C8 ADP G . 4.27 4.78 3.74
N7 ADP G . 5.53 4.34 4.00
C5 ADP G . 5.99 5.06 5.06
C6 ADP G . 7.23 5.13 5.86
N6 ADP G . 8.26 4.29 5.63
N1 ADP G . 7.28 6.04 6.85
C2 ADP G . 6.29 6.89 7.13
N3 ADP G . 5.12 6.90 6.45
C4 ADP G . 4.95 6.02 5.43
S SO4 H . 25.14 -7.16 0.42
O1 SO4 H . 25.86 -6.14 -0.33
O2 SO4 H . 25.99 -8.33 0.58
O3 SO4 H . 24.81 -6.61 1.73
O4 SO4 H . 23.94 -7.56 -0.30
S SO4 I . 26.94 3.04 0.27
O1 SO4 I . 26.63 3.06 -1.16
O2 SO4 I . 28.36 3.33 0.50
O3 SO4 I . 26.14 4.05 0.94
O4 SO4 I . 26.61 1.71 0.79
S SO4 J . 16.34 15.67 13.07
O1 SO4 J . 17.51 15.43 12.23
O2 SO4 J . 16.67 16.66 14.09
O3 SO4 J . 15.25 16.16 12.24
O4 SO4 J . 15.95 14.42 13.71
MG MG K . -0.86 -8.79 -8.72
MG MG L . -2.98 -2.40 -11.20
MG MG M . -1.27 0.91 2.39
PB ADP N . 0.02 -3.42 -2.51
O1B ADP N . 0.07 -4.26 -1.28
O2B ADP N . 1.02 -2.30 -2.38
O3B ADP N . 0.07 -4.19 -3.82
PA ADP N . -2.12 -1.40 -2.92
O1A ADP N . -3.17 -1.03 -1.89
O2A ADP N . -1.03 -0.43 -3.23
O3A ADP N . -1.47 -2.82 -2.44
O5' ADP N . -2.84 -1.85 -4.27
C5' ADP N . -2.17 -1.87 -5.53
C4' ADP N . -2.88 -2.89 -6.42
O4' ADP N . -2.60 -4.23 -5.99
C3' ADP N . -4.40 -2.74 -6.38
O3' ADP N . -4.89 -2.91 -7.70
C2' ADP N . -4.88 -3.90 -5.51
O2' ADP N . -6.21 -4.35 -5.81
C1' ADP N . -3.83 -4.94 -5.83
N9 ADP N . -3.61 -5.94 -4.76
C8 ADP N . -3.28 -5.71 -3.48
N7 ADP N . -3.13 -6.88 -2.81
C5 ADP N . -3.38 -7.87 -3.69
C6 ADP N . -3.41 -9.36 -3.66
N6 ADP N . -3.12 -10.04 -2.53
N1 ADP N . -3.69 -9.99 -4.82
C2 ADP N . -3.96 -9.33 -5.97
N3 ADP N . -3.98 -8.00 -6.07
C4 ADP N . -3.68 -7.25 -4.98
S SO4 O . -11.38 -21.06 -9.89
O1 SO4 O . -12.68 -20.73 -10.46
O2 SO4 O . -10.62 -21.87 -10.85
O3 SO4 O . -10.62 -19.84 -9.62
O4 SO4 O . -11.56 -21.81 -8.65
S SO4 P . -1.50 -21.41 15.11
O1 SO4 P . -1.22 -21.63 13.71
O2 SO4 P . -0.61 -22.25 15.92
O3 SO4 P . -1.26 -20.01 15.47
O4 SO4 P . -2.89 -21.78 15.36
S SO4 Q . -20.45 -4.29 -14.89
O1 SO4 Q . -20.17 -2.87 -15.05
O2 SO4 Q . -20.29 -4.67 -13.49
O3 SO4 Q . -21.83 -4.56 -15.30
O4 SO4 Q . -19.53 -5.07 -15.71
S SO4 R . 0.88 -15.27 -6.96
O1 SO4 R . 0.16 -14.25 -7.71
O2 SO4 R . 2.13 -15.59 -7.66
O3 SO4 R . 1.17 -14.80 -5.61
O4 SO4 R . 0.07 -16.49 -6.89
#